data_1T6T
#
_entry.id   1T6T
#
_cell.length_a   45.906
_cell.length_b   58.405
_cell.length_c   54.124
_cell.angle_alpha   90.00
_cell.angle_beta   98.99
_cell.angle_gamma   90.00
#
_symmetry.space_group_name_H-M   'P 1 21 1'
#
loop_
_entity.id
_entity.type
_entity.pdbx_description
1 polymer 'putative protein'
2 water water
#
_entity_poly.entity_id   1
_entity_poly.type   'polypeptide(L)'
_entity_poly.pdbx_seq_one_letter_code
;MTKEPRNLSEWIKELKKASREAVILVEGKNDKKALSKFSIKNVIDLSGKRYADVVD(MSE)LEGKWEKVILLFDLDTHGE
RINQK(MSE)KELLSSQGFLVDENFRNFLKKWNIIHIEEINGGKNS
;
_entity_poly.pdbx_strand_id   1,2
#
# COMPACT_ATOMS: atom_id res chain seq x y z
N PRO A 5 -3.60 -16.46 -23.04
CA PRO A 5 -5.05 -16.63 -22.78
C PRO A 5 -5.88 -15.78 -23.73
N ARG A 6 -6.96 -16.37 -24.26
CA ARG A 6 -7.83 -15.66 -25.19
C ARG A 6 -8.89 -14.82 -24.49
N ASN A 7 -9.07 -15.06 -23.20
CA ASN A 7 -10.05 -14.30 -22.41
C ASN A 7 -9.72 -14.41 -20.92
N LEU A 8 -10.47 -13.70 -20.08
CA LEU A 8 -10.20 -13.71 -18.65
C LEU A 8 -10.32 -15.10 -18.03
N SER A 9 -11.23 -15.91 -18.55
CA SER A 9 -11.41 -17.25 -18.02
C SER A 9 -10.14 -18.08 -18.23
N GLU A 10 -9.56 -17.97 -19.42
CA GLU A 10 -8.33 -18.73 -19.70
C GLU A 10 -7.15 -18.12 -18.96
N TRP A 11 -7.20 -16.81 -18.72
CA TRP A 11 -6.14 -16.12 -17.99
C TRP A 11 -6.09 -16.71 -16.58
N ILE A 12 -7.26 -16.87 -15.98
CA ILE A 12 -7.35 -17.45 -14.64
C ILE A 12 -6.85 -18.89 -14.64
N LYS A 13 -7.24 -19.66 -15.65
CA LYS A 13 -6.82 -21.04 -15.77
C LYS A 13 -5.30 -21.11 -15.88
N GLU A 14 -4.72 -20.24 -16.70
CA GLU A 14 -3.27 -20.24 -16.87
C GLU A 14 -2.53 -19.75 -15.63
N LEU A 15 -3.10 -18.77 -14.95
CA LEU A 15 -2.48 -18.25 -13.74
C LEU A 15 -2.47 -19.32 -12.65
N LYS A 16 -3.56 -20.08 -12.56
CA LYS A 16 -3.64 -21.14 -11.57
C LYS A 16 -2.55 -22.18 -11.86
N LYS A 17 -2.42 -22.56 -13.12
CA LYS A 17 -1.40 -23.51 -13.52
C LYS A 17 0.00 -22.97 -13.16
N ALA A 18 0.26 -21.72 -13.52
CA ALA A 18 1.55 -21.10 -13.25
C ALA A 18 1.86 -20.96 -11.76
N SER A 19 0.82 -20.85 -10.94
CA SER A 19 0.99 -20.69 -9.50
C SER A 19 1.55 -21.93 -8.80
N ARG A 20 1.69 -23.04 -9.53
CA ARG A 20 2.29 -24.23 -8.94
C ARG A 20 3.79 -24.19 -9.19
N GLU A 21 4.22 -23.28 -10.06
CA GLU A 21 5.65 -23.16 -10.40
C GLU A 21 6.26 -21.83 -9.99
N ALA A 22 5.41 -20.88 -9.62
CA ALA A 22 5.89 -19.55 -9.23
C ALA A 22 4.93 -18.93 -8.21
N VAL A 23 5.45 -18.02 -7.40
CA VAL A 23 4.62 -17.36 -6.39
C VAL A 23 4.06 -16.07 -6.95
N ILE A 24 2.80 -15.81 -6.65
CA ILE A 24 2.12 -14.60 -7.09
C ILE A 24 2.21 -13.54 -5.99
N LEU A 25 2.55 -12.32 -6.38
CA LEU A 25 2.64 -11.23 -5.42
C LEU A 25 1.54 -10.21 -5.70
N VAL A 26 0.79 -9.84 -4.68
CA VAL A 26 -0.27 -8.86 -4.80
C VAL A 26 -0.07 -7.83 -3.70
N GLU A 27 -0.81 -6.73 -3.77
CA GLU A 27 -0.68 -5.66 -2.78
C GLU A 27 -1.42 -5.94 -1.48
N GLY A 28 -2.70 -6.29 -1.58
CA GLY A 28 -3.47 -6.50 -0.37
C GLY A 28 -4.09 -7.84 -0.06
N LYS A 29 -4.53 -7.98 1.18
CA LYS A 29 -5.15 -9.20 1.66
C LYS A 29 -6.42 -9.51 0.87
N ASN A 30 -7.11 -8.48 0.41
CA ASN A 30 -8.35 -8.66 -0.37
C ASN A 30 -8.05 -9.15 -1.77
N ASP A 31 -6.88 -8.80 -2.31
CA ASP A 31 -6.50 -9.26 -3.63
C ASP A 31 -6.22 -10.75 -3.51
N LYS A 32 -5.58 -11.11 -2.40
CA LYS A 32 -5.25 -12.49 -2.13
C LYS A 32 -6.53 -13.31 -1.95
N LYS A 33 -7.51 -12.72 -1.26
CA LYS A 33 -8.78 -13.39 -1.03
C LYS A 33 -9.50 -13.62 -2.38
N ALA A 34 -9.46 -12.62 -3.25
CA ALA A 34 -10.10 -12.73 -4.56
C ALA A 34 -9.52 -13.89 -5.36
N LEU A 35 -8.20 -14.02 -5.36
CA LEU A 35 -7.55 -15.10 -6.10
C LEU A 35 -7.91 -16.46 -5.51
N SER A 36 -8.06 -16.50 -4.19
CA SER A 36 -8.39 -17.73 -3.48
C SER A 36 -9.72 -18.32 -3.93
N LYS A 37 -10.65 -17.47 -4.34
CA LYS A 37 -11.95 -17.94 -4.78
C LYS A 37 -11.82 -18.76 -6.06
N PHE A 38 -10.74 -18.56 -6.79
CA PHE A 38 -10.48 -19.30 -8.03
C PHE A 38 -9.49 -20.44 -7.76
N SER A 39 -9.29 -20.76 -6.49
CA SER A 39 -8.38 -21.81 -6.07
C SER A 39 -6.92 -21.51 -6.40
N ILE A 40 -6.57 -20.23 -6.40
CA ILE A 40 -5.19 -19.80 -6.64
C ILE A 40 -4.74 -19.38 -5.24
N LYS A 41 -3.91 -20.23 -4.62
CA LYS A 41 -3.47 -20.02 -3.25
C LYS A 41 -2.02 -19.61 -2.99
N ASN A 42 -1.13 -19.87 -3.95
CA ASN A 42 0.29 -19.54 -3.77
C ASN A 42 0.47 -18.05 -4.05
N VAL A 43 -0.01 -17.26 -3.10
CA VAL A 43 0.00 -15.80 -3.21
C VAL A 43 0.49 -15.14 -1.93
N ILE A 44 1.30 -14.10 -2.10
CA ILE A 44 1.80 -13.34 -0.96
C ILE A 44 1.28 -11.92 -1.10
N ASP A 45 0.70 -11.39 -0.03
CA ASP A 45 0.21 -10.01 -0.05
C ASP A 45 1.31 -9.15 0.57
N LEU A 46 1.66 -8.07 -0.11
CA LEU A 46 2.75 -7.21 0.34
C LEU A 46 2.46 -6.28 1.52
N SER A 47 1.24 -5.76 1.59
CA SER A 47 0.91 -4.84 2.67
C SER A 47 1.16 -5.49 4.03
N GLY A 48 1.90 -4.80 4.88
CA GLY A 48 2.20 -5.34 6.20
C GLY A 48 3.53 -6.07 6.26
N LYS A 49 4.25 -6.07 5.14
CA LYS A 49 5.55 -6.73 5.07
C LYS A 49 6.62 -5.79 4.54
N ARG A 50 7.86 -6.03 4.95
CA ARG A 50 8.97 -5.24 4.45
C ARG A 50 9.25 -5.87 3.10
N TYR A 51 9.72 -5.08 2.14
CA TYR A 51 10.00 -5.64 0.82
C TYR A 51 10.96 -6.82 0.97
N ALA A 52 11.91 -6.70 1.89
CA ALA A 52 12.89 -7.76 2.14
C ALA A 52 12.26 -9.00 2.76
N ASP A 53 11.09 -8.86 3.38
CA ASP A 53 10.42 -10.02 3.97
C ASP A 53 10.02 -10.97 2.86
N VAL A 54 9.64 -10.42 1.70
CA VAL A 54 9.24 -11.23 0.57
C VAL A 54 10.44 -12.02 0.05
N VAL A 55 11.59 -11.35 -0.02
CA VAL A 55 12.81 -11.99 -0.48
C VAL A 55 13.15 -13.16 0.44
N ASP A 56 13.12 -12.91 1.75
CA ASP A 56 13.43 -13.95 2.72
C ASP A 56 12.47 -15.13 2.67
N LEU A 58 10.90 -16.25 0.00
CA LEU A 58 11.10 -16.98 -1.25
C LEU A 58 12.46 -17.64 -1.45
N GLU A 59 13.49 -17.06 -0.84
CA GLU A 59 14.85 -17.57 -0.98
C GLU A 59 14.97 -19.08 -0.79
N GLY A 60 15.52 -19.74 -1.81
CA GLY A 60 15.72 -21.19 -1.74
C GLY A 60 14.48 -22.03 -1.94
N LYS A 61 13.32 -21.40 -2.10
CA LYS A 61 12.07 -22.14 -2.28
C LYS A 61 11.49 -21.89 -3.67
N TRP A 62 11.51 -20.64 -4.10
CA TRP A 62 10.95 -20.29 -5.40
C TRP A 62 11.94 -19.46 -6.20
N GLU A 63 12.00 -19.72 -7.50
CA GLU A 63 12.91 -18.99 -8.39
C GLU A 63 12.19 -17.93 -9.21
N LYS A 64 10.89 -18.13 -9.42
CA LYS A 64 10.12 -17.19 -10.21
C LYS A 64 8.96 -16.59 -9.44
N VAL A 65 8.67 -15.34 -9.73
CA VAL A 65 7.59 -14.61 -9.08
C VAL A 65 6.72 -13.92 -10.12
N ILE A 66 5.41 -14.02 -9.96
CA ILE A 66 4.46 -13.39 -10.86
C ILE A 66 3.96 -12.10 -10.18
N LEU A 67 4.20 -10.96 -10.82
CA LEU A 67 3.76 -9.70 -10.24
C LEU A 67 2.34 -9.38 -10.67
N LEU A 68 1.46 -9.19 -9.69
CA LEU A 68 0.06 -8.88 -9.98
C LEU A 68 -0.45 -7.70 -9.17
N PHE A 69 0.23 -6.57 -9.30
CA PHE A 69 -0.19 -5.37 -8.60
C PHE A 69 -1.19 -4.63 -9.47
N ASP A 70 -2.08 -3.86 -8.85
CA ASP A 70 -3.08 -3.12 -9.62
C ASP A 70 -2.41 -2.22 -10.64
N LEU A 71 -3.17 -1.81 -11.65
CA LEU A 71 -2.64 -0.97 -12.70
C LEU A 71 -2.70 0.53 -12.39
N ASP A 72 -3.24 0.90 -11.24
CA ASP A 72 -3.31 2.31 -10.88
C ASP A 72 -1.90 2.82 -10.57
N THR A 73 -1.78 4.09 -10.25
CA THR A 73 -0.49 4.69 -9.95
C THR A 73 0.19 4.03 -8.76
N HIS A 74 -0.58 3.78 -7.71
CA HIS A 74 -0.06 3.13 -6.51
C HIS A 74 0.51 1.77 -6.88
N GLY A 75 -0.26 1.01 -7.66
CA GLY A 75 0.16 -0.32 -8.08
C GLY A 75 1.39 -0.35 -8.97
N GLU A 76 1.48 0.58 -9.91
CA GLU A 76 2.61 0.64 -10.84
C GLU A 76 3.91 0.95 -10.09
N ARG A 77 3.83 1.82 -9.09
CA ARG A 77 5.01 2.17 -8.31
C ARG A 77 5.50 0.95 -7.53
N ILE A 78 4.58 0.21 -6.94
CA ILE A 78 4.98 -0.97 -6.18
C ILE A 78 5.51 -2.04 -7.14
N ASN A 79 4.89 -2.14 -8.31
CA ASN A 79 5.32 -3.11 -9.31
C ASN A 79 6.78 -2.86 -9.69
N GLN A 80 7.11 -1.60 -9.96
CA GLN A 80 8.48 -1.26 -10.35
C GLN A 80 9.47 -1.51 -9.22
N LYS A 81 9.06 -1.20 -8.00
CA LYS A 81 9.92 -1.40 -6.84
C LYS A 81 10.23 -2.89 -6.63
N LYS A 83 9.87 -5.29 -8.83
CA LYS A 83 10.54 -5.84 -10.00
C LYS A 83 12.05 -5.62 -9.84
N GLU A 84 12.43 -4.40 -9.50
CA GLU A 84 13.84 -4.06 -9.30
C GLU A 84 14.46 -4.84 -8.14
N LEU A 85 13.75 -4.93 -7.01
CA LEU A 85 14.29 -5.66 -5.86
C LEU A 85 14.44 -7.15 -6.14
N LEU A 86 13.37 -7.78 -6.60
CA LEU A 86 13.41 -9.21 -6.86
C LEU A 86 14.44 -9.60 -7.90
N SER A 87 14.56 -8.81 -8.96
CA SER A 87 15.54 -9.12 -9.99
C SER A 87 16.95 -8.95 -9.43
N SER A 88 17.15 -7.93 -8.59
CA SER A 88 18.47 -7.70 -8.00
C SER A 88 18.90 -8.85 -7.10
N GLN A 89 17.91 -9.57 -6.56
CA GLN A 89 18.19 -10.68 -5.66
C GLN A 89 18.27 -12.03 -6.37
N GLY A 90 18.16 -12.01 -7.69
CA GLY A 90 18.27 -13.25 -8.45
C GLY A 90 17.00 -13.97 -8.84
N PHE A 91 15.83 -13.38 -8.58
CA PHE A 91 14.58 -14.03 -8.95
C PHE A 91 14.17 -13.68 -10.38
N LEU A 92 13.43 -14.59 -11.01
CA LEU A 92 12.91 -14.34 -12.35
C LEU A 92 11.56 -13.67 -12.09
N VAL A 93 11.31 -12.56 -12.75
CA VAL A 93 10.06 -11.82 -12.57
C VAL A 93 9.17 -11.95 -13.79
N ASP A 94 7.92 -12.37 -13.57
CA ASP A 94 6.96 -12.53 -14.65
C ASP A 94 5.93 -11.40 -14.62
N GLU A 95 5.85 -10.63 -15.69
CA GLU A 95 4.90 -9.53 -15.79
C GLU A 95 3.86 -9.80 -16.88
N ASN A 96 3.97 -10.97 -17.50
CA ASN A 96 3.05 -11.33 -18.59
C ASN A 96 1.58 -11.34 -18.19
N PHE A 97 1.27 -11.90 -17.03
CA PHE A 97 -0.12 -11.94 -16.58
C PHE A 97 -0.66 -10.54 -16.34
N ARG A 98 0.13 -9.72 -15.66
CA ARG A 98 -0.27 -8.35 -15.37
C ARG A 98 -0.48 -7.57 -16.68
N ASN A 99 0.43 -7.77 -17.63
CA ASN A 99 0.33 -7.06 -18.90
C ASN A 99 -0.92 -7.43 -19.69
N PHE A 100 -1.44 -8.64 -19.48
CA PHE A 100 -2.67 -9.05 -20.17
C PHE A 100 -3.84 -8.26 -19.58
N LEU A 101 -3.76 -7.95 -18.29
CA LEU A 101 -4.82 -7.20 -17.64
C LEU A 101 -4.78 -5.77 -18.19
N LYS A 102 -3.58 -5.26 -18.42
CA LYS A 102 -3.43 -3.91 -18.97
C LYS A 102 -4.21 -3.85 -20.29
N LYS A 103 -4.02 -4.88 -21.10
CA LYS A 103 -4.68 -4.98 -22.39
C LYS A 103 -6.21 -4.99 -22.29
N TRP A 104 -6.74 -5.68 -21.29
CA TRP A 104 -8.19 -5.74 -21.13
C TRP A 104 -8.73 -4.65 -20.21
N ASN A 105 -7.88 -3.70 -19.86
CA ASN A 105 -8.27 -2.59 -18.99
C ASN A 105 -8.82 -3.04 -17.63
N ILE A 106 -8.20 -4.07 -17.05
CA ILE A 106 -8.62 -4.53 -15.74
C ILE A 106 -7.63 -3.91 -14.74
N ILE A 107 -8.06 -2.81 -14.13
CA ILE A 107 -7.22 -2.07 -13.20
C ILE A 107 -6.99 -2.71 -11.84
N HIS A 108 -8.01 -3.31 -11.25
CA HIS A 108 -7.88 -3.92 -9.94
C HIS A 108 -8.09 -5.43 -9.92
N ILE A 109 -7.21 -6.14 -9.23
CA ILE A 109 -7.30 -7.58 -9.12
C ILE A 109 -8.62 -7.97 -8.46
N GLU A 110 -9.06 -7.19 -7.49
CA GLU A 110 -10.32 -7.46 -6.80
C GLU A 110 -11.50 -7.43 -7.76
N GLU A 111 -11.31 -6.78 -8.91
CA GLU A 111 -12.35 -6.69 -9.92
C GLU A 111 -12.62 -8.05 -10.55
N ILE A 112 -11.62 -8.93 -10.49
CA ILE A 112 -11.74 -10.27 -11.06
C ILE A 112 -12.47 -11.19 -10.10
N GLU B 4 -12.09 23.82 11.69
CA GLU B 4 -11.42 25.08 11.93
C GLU B 4 -10.82 25.67 10.65
N PRO B 5 -10.01 24.89 9.92
CA PRO B 5 -9.41 25.39 8.68
C PRO B 5 -10.47 25.76 7.65
N ARG B 6 -10.29 26.89 6.99
CA ARG B 6 -11.25 27.34 5.97
C ARG B 6 -10.86 26.87 4.58
N ASN B 7 -9.58 26.56 4.39
CA ASN B 7 -9.09 26.09 3.11
C ASN B 7 -7.92 25.12 3.30
N LEU B 8 -7.40 24.59 2.20
CA LEU B 8 -6.29 23.64 2.25
C LEU B 8 -5.05 24.30 2.85
N SER B 9 -4.84 25.56 2.52
CA SER B 9 -3.68 26.30 3.03
C SER B 9 -3.68 26.33 4.57
N GLU B 10 -4.84 26.64 5.15
CA GLU B 10 -4.93 26.70 6.61
C GLU B 10 -4.85 25.30 7.20
N TRP B 11 -5.34 24.31 6.46
CA TRP B 11 -5.31 22.91 6.91
C TRP B 11 -3.84 22.48 7.02
N ILE B 12 -3.05 22.83 6.02
CA ILE B 12 -1.64 22.49 6.00
C ILE B 12 -0.89 23.20 7.14
N LYS B 13 -1.25 24.45 7.41
CA LYS B 13 -0.63 25.20 8.48
C LYS B 13 -0.90 24.53 9.82
N GLU B 14 -2.15 24.11 10.02
CA GLU B 14 -2.55 23.46 11.26
C GLU B 14 -1.86 22.09 11.39
N LEU B 15 -1.75 21.38 10.27
CA LEU B 15 -1.11 20.08 10.28
C LEU B 15 0.37 20.22 10.65
N LYS B 16 1.04 21.23 10.08
CA LYS B 16 2.46 21.43 10.38
C LYS B 16 2.65 21.68 11.87
N LYS B 17 1.79 22.53 12.44
CA LYS B 17 1.88 22.83 13.87
C LYS B 17 1.69 21.56 14.67
N ALA B 18 0.68 20.77 14.30
CA ALA B 18 0.38 19.53 15.00
C ALA B 18 1.49 18.49 14.88
N SER B 19 2.24 18.55 13.77
CA SER B 19 3.32 17.60 13.53
C SER B 19 4.50 17.74 14.49
N ARG B 20 4.50 18.79 15.31
CA ARG B 20 5.59 18.94 16.29
C ARG B 20 5.21 18.19 17.55
N GLU B 21 3.94 17.82 17.67
CA GLU B 21 3.43 17.11 18.85
C GLU B 21 2.99 15.67 18.55
N ALA B 22 2.81 15.37 17.27
CA ALA B 22 2.37 14.03 16.87
C ALA B 22 2.97 13.63 15.54
N VAL B 23 3.15 12.32 15.35
CA VAL B 23 3.71 11.80 14.10
C VAL B 23 2.59 11.57 13.10
N ILE B 24 2.87 11.87 11.84
CA ILE B 24 1.90 11.67 10.78
C ILE B 24 2.21 10.36 10.07
N LEU B 25 1.18 9.57 9.80
CA LEU B 25 1.36 8.30 9.10
C LEU B 25 0.68 8.37 7.74
N VAL B 26 1.43 8.02 6.70
CA VAL B 26 0.89 8.01 5.35
C VAL B 26 1.25 6.66 4.73
N GLU B 27 0.69 6.39 3.57
CA GLU B 27 0.94 5.11 2.91
C GLU B 27 2.24 5.08 2.12
N GLY B 28 2.45 6.06 1.26
CA GLY B 28 3.64 6.05 0.43
C GLY B 28 4.70 7.11 0.55
N LYS B 29 5.85 6.81 -0.05
CA LYS B 29 6.99 7.71 -0.03
C LYS B 29 6.64 9.03 -0.73
N ASN B 30 5.79 8.96 -1.75
CA ASN B 30 5.39 10.16 -2.47
C ASN B 30 4.47 11.04 -1.62
N ASP B 31 3.72 10.42 -0.71
CA ASP B 31 2.85 11.18 0.17
C ASP B 31 3.76 11.93 1.13
N LYS B 32 4.81 11.25 1.59
CA LYS B 32 5.76 11.85 2.50
C LYS B 32 6.48 13.01 1.81
N LYS B 33 6.82 12.82 0.54
CA LYS B 33 7.52 13.86 -0.22
C LYS B 33 6.63 15.08 -0.41
N ALA B 34 5.35 14.84 -0.68
CA ALA B 34 4.39 15.93 -0.87
C ALA B 34 4.30 16.79 0.39
N LEU B 35 4.28 16.14 1.55
CA LEU B 35 4.22 16.86 2.82
C LEU B 35 5.51 17.61 3.11
N SER B 36 6.62 17.03 2.70
CA SER B 36 7.93 17.63 2.91
C SER B 36 8.02 19.01 2.22
N LYS B 37 7.35 19.15 1.09
CA LYS B 37 7.36 20.41 0.36
C LYS B 37 6.77 21.55 1.17
N PHE B 38 5.91 21.22 2.12
CA PHE B 38 5.27 22.21 2.98
C PHE B 38 5.96 22.26 4.33
N SER B 39 7.18 21.73 4.38
CA SER B 39 7.99 21.70 5.61
C SER B 39 7.39 20.82 6.70
N ILE B 40 6.62 19.82 6.31
CA ILE B 40 6.05 18.88 7.28
C ILE B 40 6.92 17.64 7.12
N LYS B 41 7.80 17.44 8.09
CA LYS B 41 8.77 16.35 8.06
C LYS B 41 8.55 15.15 8.99
N ASN B 42 7.82 15.35 10.08
CA ASN B 42 7.58 14.27 11.04
C ASN B 42 6.53 13.32 10.47
N VAL B 43 6.93 12.58 9.45
CA VAL B 43 6.04 11.66 8.74
C VAL B 43 6.67 10.29 8.54
N ILE B 44 5.86 9.26 8.68
CA ILE B 44 6.32 7.89 8.46
C ILE B 44 5.47 7.30 7.35
N ASP B 45 6.13 6.72 6.35
CA ASP B 45 5.40 6.09 5.25
C ASP B 45 5.35 4.59 5.54
N LEU B 46 4.14 4.02 5.45
CA LEU B 46 3.91 2.61 5.75
C LEU B 46 4.41 1.57 4.75
N SER B 47 4.31 1.86 3.46
CA SER B 47 4.75 0.89 2.46
C SER B 47 6.20 0.48 2.70
N GLY B 48 6.45 -0.82 2.70
CA GLY B 48 7.79 -1.31 2.94
C GLY B 48 8.07 -1.57 4.41
N LYS B 49 7.05 -1.39 5.25
CA LYS B 49 7.19 -1.64 6.68
C LYS B 49 6.10 -2.57 7.20
N ARG B 50 6.42 -3.32 8.26
CA ARG B 50 5.42 -4.19 8.89
C ARG B 50 4.63 -3.21 9.74
N TYR B 51 3.35 -3.50 10.01
CA TYR B 51 2.58 -2.58 10.83
C TYR B 51 3.25 -2.44 12.18
N ALA B 52 3.81 -3.53 12.68
CA ALA B 52 4.50 -3.53 13.98
C ALA B 52 5.75 -2.66 13.96
N ASP B 53 6.34 -2.44 12.77
CA ASP B 53 7.53 -1.61 12.68
C ASP B 53 7.19 -0.18 13.09
N VAL B 54 5.99 0.27 12.74
CA VAL B 54 5.55 1.63 13.08
C VAL B 54 5.41 1.73 14.60
N VAL B 55 4.83 0.70 15.21
CA VAL B 55 4.66 0.67 16.65
C VAL B 55 6.03 0.76 17.34
N ASP B 56 6.96 -0.07 16.90
CA ASP B 56 8.30 -0.08 17.49
C ASP B 56 9.04 1.23 17.33
N LEU B 58 7.66 4.23 17.20
CA LEU B 58 7.03 5.24 18.02
C LEU B 58 7.07 5.00 19.53
N GLU B 59 7.19 3.75 19.93
CA GLU B 59 7.22 3.39 21.34
C GLU B 59 8.17 4.24 22.18
N GLY B 60 7.62 4.85 23.22
CA GLY B 60 8.42 5.67 24.11
C GLY B 60 8.90 7.00 23.55
N LYS B 61 8.49 7.31 22.33
CA LYS B 61 8.91 8.56 21.70
C LYS B 61 7.74 9.48 21.41
N TRP B 62 6.66 8.91 20.89
CA TRP B 62 5.47 9.68 20.57
C TRP B 62 4.24 9.01 21.15
N GLU B 63 3.32 9.82 21.68
CA GLU B 63 2.11 9.28 22.27
C GLU B 63 0.92 9.43 21.33
N LYS B 64 1.03 10.35 20.39
CA LYS B 64 -0.06 10.63 19.47
C LYS B 64 0.35 10.43 18.00
N VAL B 65 -0.58 9.90 17.22
CA VAL B 65 -0.36 9.66 15.81
C VAL B 65 -1.48 10.23 14.96
N ILE B 66 -1.12 10.99 13.93
CA ILE B 66 -2.10 11.56 13.01
C ILE B 66 -2.19 10.62 11.80
N LEU B 67 -3.36 10.04 11.57
CA LEU B 67 -3.52 9.14 10.43
C LEU B 67 -3.90 9.95 9.19
N LEU B 68 -3.12 9.80 8.13
CA LEU B 68 -3.39 10.53 6.89
C LEU B 68 -3.34 9.64 5.67
N PHE B 69 -4.17 8.61 5.65
CA PHE B 69 -4.21 7.71 4.49
C PHE B 69 -5.22 8.26 3.50
N ASP B 70 -5.07 7.88 2.24
CA ASP B 70 -5.97 8.36 1.20
C ASP B 70 -7.43 8.04 1.52
N LEU B 71 -8.33 8.79 0.90
CA LEU B 71 -9.76 8.62 1.14
C LEU B 71 -10.44 7.63 0.23
N ASP B 72 -9.67 6.77 -0.43
CA ASP B 72 -10.24 5.76 -1.31
C ASP B 72 -10.38 4.47 -0.52
N THR B 73 -10.93 3.43 -1.14
CA THR B 73 -11.12 2.15 -0.47
C THR B 73 -9.83 1.60 0.12
N HIS B 74 -8.76 1.64 -0.66
CA HIS B 74 -7.46 1.15 -0.22
C HIS B 74 -6.98 1.89 1.02
N GLY B 75 -7.13 3.22 1.02
CA GLY B 75 -6.71 4.01 2.15
C GLY B 75 -7.55 3.82 3.39
N GLU B 76 -8.86 3.62 3.20
CA GLU B 76 -9.76 3.43 4.31
C GLU B 76 -9.49 2.12 5.04
N ARG B 77 -9.14 1.08 4.30
CA ARG B 77 -8.82 -0.21 4.91
C ARG B 77 -7.56 -0.09 5.76
N ILE B 78 -6.55 0.58 5.22
CA ILE B 78 -5.30 0.77 5.96
C ILE B 78 -5.56 1.67 7.17
N ASN B 79 -6.36 2.70 6.98
CA ASN B 79 -6.68 3.61 8.08
C ASN B 79 -7.28 2.83 9.25
N GLN B 80 -8.27 2.00 8.95
CA GLN B 80 -8.95 1.22 9.98
C GLN B 80 -8.00 0.24 10.67
N LYS B 81 -7.17 -0.43 9.88
CA LYS B 81 -6.20 -1.39 10.40
C LYS B 81 -5.22 -0.71 11.36
N LYS B 83 -5.60 2.22 12.81
CA LYS B 83 -6.32 2.83 13.92
C LYS B 83 -6.46 1.79 15.04
N GLU B 84 -6.92 0.61 14.66
CA GLU B 84 -7.10 -0.49 15.62
C GLU B 84 -5.78 -0.90 16.25
N LEU B 85 -4.74 -1.07 15.43
CA LEU B 85 -3.45 -1.47 15.94
C LEU B 85 -2.85 -0.45 16.91
N LEU B 86 -2.77 0.79 16.48
CA LEU B 86 -2.19 1.82 17.32
C LEU B 86 -2.96 2.00 18.63
N SER B 87 -4.29 2.02 18.56
CA SER B 87 -5.05 2.17 19.79
C SER B 87 -4.82 0.97 20.71
N SER B 88 -4.67 -0.23 20.13
CA SER B 88 -4.45 -1.43 20.93
C SER B 88 -3.10 -1.38 21.66
N GLN B 89 -2.16 -0.62 21.11
CA GLN B 89 -0.83 -0.51 21.69
C GLN B 89 -0.67 0.68 22.63
N GLY B 90 -1.75 1.41 22.86
CA GLY B 90 -1.70 2.54 23.78
C GLY B 90 -1.49 3.93 23.19
N PHE B 91 -1.51 4.04 21.87
CA PHE B 91 -1.32 5.34 21.22
C PHE B 91 -2.64 6.09 21.07
N LEU B 92 -2.55 7.42 21.06
CA LEU B 92 -3.72 8.26 20.85
C LEU B 92 -3.77 8.47 19.34
N VAL B 93 -4.90 8.15 18.73
CA VAL B 93 -5.06 8.28 17.28
C VAL B 93 -5.88 9.52 16.89
N ASP B 94 -5.30 10.36 16.04
CA ASP B 94 -5.96 11.57 15.59
C ASP B 94 -6.44 11.39 14.14
N GLU B 95 -7.75 11.43 13.94
CA GLU B 95 -8.34 11.30 12.62
C GLU B 95 -8.96 12.62 12.15
N ASN B 96 -8.86 13.64 13.00
CA ASN B 96 -9.45 14.93 12.66
C ASN B 96 -8.96 15.54 11.36
N PHE B 97 -7.66 15.45 11.08
CA PHE B 97 -7.13 16.03 9.86
C PHE B 97 -7.63 15.30 8.62
N ARG B 98 -7.63 13.98 8.68
CA ARG B 98 -8.10 13.18 7.56
C ARG B 98 -9.60 13.41 7.36
N ASN B 99 -10.36 13.40 8.45
CA ASN B 99 -11.80 13.61 8.35
C ASN B 99 -12.17 14.97 7.78
N PHE B 100 -11.33 15.97 8.04
CA PHE B 100 -11.60 17.30 7.53
C PHE B 100 -11.54 17.33 6.00
N LEU B 101 -10.62 16.56 5.42
CA LEU B 101 -10.46 16.52 3.97
C LEU B 101 -11.68 15.92 3.26
N LYS B 102 -12.49 15.17 4.00
CA LYS B 102 -13.67 14.55 3.41
C LYS B 102 -14.67 15.56 2.87
N LYS B 103 -14.57 16.81 3.30
CA LYS B 103 -15.47 17.85 2.85
C LYS B 103 -14.98 18.55 1.59
N TRP B 104 -13.73 18.29 1.20
CA TRP B 104 -13.17 18.91 0.01
C TRP B 104 -12.94 17.90 -1.10
N ASN B 105 -12.63 18.41 -2.29
CA ASN B 105 -12.40 17.54 -3.43
C ASN B 105 -10.98 17.01 -3.46
N ILE B 106 -10.73 15.98 -2.67
CA ILE B 106 -9.42 15.36 -2.59
C ILE B 106 -9.59 13.90 -2.20
N ILE B 107 -8.74 13.05 -2.74
CA ILE B 107 -8.79 11.64 -2.41
C ILE B 107 -7.42 11.18 -1.94
N HIS B 108 -6.39 11.57 -2.70
CA HIS B 108 -5.00 11.20 -2.40
C HIS B 108 -4.26 12.36 -1.79
N ILE B 109 -3.60 12.12 -0.66
CA ILE B 109 -2.84 13.16 0.03
C ILE B 109 -1.82 13.77 -0.93
N GLU B 110 -1.35 12.96 -1.87
CA GLU B 110 -0.38 13.43 -2.85
C GLU B 110 -0.91 14.60 -3.67
N GLU B 111 -2.23 14.77 -3.70
CA GLU B 111 -2.84 15.85 -4.46
C GLU B 111 -2.48 17.24 -3.93
N ILE B 112 -2.02 17.33 -2.69
CA ILE B 112 -1.66 18.62 -2.13
C ILE B 112 -0.46 19.25 -2.84
N ASN B 113 0.30 18.45 -3.59
CA ASN B 113 1.46 18.97 -4.29
C ASN B 113 1.10 19.62 -5.62
#